data_6LE8
#
_entry.id   6LE8
#
_cell.length_a   54.250
_cell.length_b   54.727
_cell.length_c   139.845
_cell.angle_alpha   90.000
_cell.angle_beta   90.000
_cell.angle_gamma   90.000
#
_symmetry.space_group_name_H-M   'P 2 21 21'
#
loop_
_entity.id
_entity.type
_entity.pdbx_description
1 polymer 'Probable endochitinase'
2 non-polymer (4R)-4-(4-ethoxyphenyl)-3-(2-hydroxyphenyl)-5-(pyridin-3-ylmethyl)-1,4-dihydropyrrolo[3,4-c]pyrazol-6-one
3 non-polymer 2-[BIS-(2-HYDROXY-ETHYL)-AMINO]-2-HYDROXYMETHYL-PROPANE-1,3-DIOL
4 non-polymer GLYCEROL
5 water water
#
_entity_poly.entity_id   1
_entity_poly.type   'polypeptide(L)'
_entity_poly.pdbx_seq_one_letter_code
;SYIRPCYFTNWAQYRQGRAKFVPEDYTPGLCTHILFAFGWMNADYTVRAYDPADLPNDWAGEGMYRRVNKLKVTDTQLKT
LLSFGGWSFGTALFQGMAASSASRKVFIDSAITFVRTWGFDGIDIDWEYPSGATDMANYVALVKELKAACESEAGSTGKD
RLLVTAAVAAGPATIDAGYDIPNLAPNFDFILLMSYDFFGAWASLVGFNSPLYATAELPAEWNGWNVDSSARYWNQKGMP
KEKIIVGMPTYGRGWTLNNASAINPGTSGSPAKITQYVQEAGVGAYFEFCEMLANGATRYWDSQSQVPYLVQGNQWWSYD
DEESFANKMAYVKREGYGGAFVWTLDFDDFNAGCSNSNGQLYPLISVIAKELGGVIIPKK
;
_entity_poly.pdbx_strand_id   A
#
loop_
_chem_comp.id
_chem_comp.type
_chem_comp.name
_chem_comp.formula
BTB non-polymer 2-[BIS-(2-HYDROXY-ETHYL)-AMINO]-2-HYDROXYMETHYL-PROPANE-1,3-DIOL 'C8 H19 N O5'
EAF non-polymer (4R)-4-(4-ethoxyphenyl)-3-(2-hydroxyphenyl)-5-(pyridin-3-ylmethyl)-1,4-dihydropyrrolo[3,4-c]pyrazol-6-one 'C25 H22 N4 O3'
GOL non-polymer GLYCEROL 'C3 H8 O3'
#
# COMPACT_ATOMS: atom_id res chain seq x y z
N SER A 1 -3.77 -18.17 9.75
CA SER A 1 -3.37 -17.87 8.39
C SER A 1 -2.87 -16.42 8.25
N TYR A 2 -1.75 -16.21 7.59
CA TYR A 2 -1.28 -14.85 7.33
C TYR A 2 -2.24 -14.14 6.40
N ILE A 3 -2.39 -12.84 6.66
CA ILE A 3 -3.22 -11.94 5.85
C ILE A 3 -2.29 -11.34 4.79
N ARG A 4 -2.69 -11.44 3.51
CA ARG A 4 -1.86 -11.07 2.37
C ARG A 4 -2.61 -10.14 1.41
N PRO A 5 -2.84 -8.89 1.80
CA PRO A 5 -3.60 -7.97 0.94
C PRO A 5 -2.71 -7.35 -0.15
N CYS A 6 -3.37 -6.91 -1.21
CA CYS A 6 -2.69 -6.19 -2.28
C CYS A 6 -3.56 -5.03 -2.75
N TYR A 7 -2.93 -3.88 -3.00
CA TYR A 7 -3.65 -2.75 -3.58
C TYR A 7 -3.72 -2.87 -5.10
N PHE A 8 -4.94 -2.80 -5.62
CA PHE A 8 -5.22 -2.53 -7.02
C PHE A 8 -5.43 -1.03 -7.16
N THR A 9 -4.86 -0.42 -8.20
CA THR A 9 -5.08 1.00 -8.48
C THR A 9 -5.85 1.16 -9.78
N ASN A 10 -6.93 1.94 -9.73
CA ASN A 10 -7.78 2.05 -10.91
C ASN A 10 -7.21 2.95 -12.00
N TRP A 11 -6.06 3.59 -11.76
CA TRP A 11 -5.43 4.40 -12.77
C TRP A 11 -4.27 3.71 -13.48
N ALA A 12 -3.88 2.52 -13.03
CA ALA A 12 -2.81 1.80 -13.71
C ALA A 12 -3.21 1.35 -15.11
N GLN A 13 -4.50 1.26 -15.38
CA GLN A 13 -4.98 0.90 -16.71
C GLN A 13 -4.63 1.95 -17.77
N TYR A 14 -4.24 3.14 -17.36
CA TYR A 14 -3.94 4.21 -18.31
C TYR A 14 -2.48 4.27 -18.68
N ARG A 15 -1.64 3.42 -18.09
CA ARG A 15 -0.24 3.36 -18.49
C ARG A 15 -0.12 2.69 -19.86
N GLN A 16 1.01 2.96 -20.51
CA GLN A 16 1.21 2.53 -21.88
C GLN A 16 1.87 1.16 -21.95
N GLY A 17 1.52 0.41 -22.99
CA GLY A 17 2.30 -0.75 -23.38
C GLY A 17 2.37 -1.80 -22.28
N ARG A 18 3.59 -2.29 -22.02
CA ARG A 18 3.79 -3.36 -21.04
C ARG A 18 3.40 -2.96 -19.64
N ALA A 19 3.21 -1.67 -19.36
CA ALA A 19 2.84 -1.21 -18.03
C ALA A 19 1.34 -1.13 -17.82
N LYS A 20 0.52 -1.21 -18.86
CA LYS A 20 -0.92 -1.18 -18.68
C LYS A 20 -1.38 -2.35 -17.81
N PHE A 21 -2.11 -2.04 -16.74
CA PHE A 21 -2.56 -3.05 -15.78
C PHE A 21 -4.07 -2.98 -15.63
N VAL A 22 -4.73 -4.13 -15.81
CA VAL A 22 -6.17 -4.25 -15.64
C VAL A 22 -6.44 -5.43 -14.69
N PRO A 23 -7.65 -5.52 -14.15
CA PRO A 23 -7.91 -6.58 -13.14
C PRO A 23 -7.60 -7.97 -13.64
N GLU A 24 -7.78 -8.24 -14.93
CA GLU A 24 -7.54 -9.57 -15.47
C GLU A 24 -6.06 -9.97 -15.45
N ASP A 25 -5.15 -9.04 -15.13
CA ASP A 25 -3.75 -9.38 -14.89
C ASP A 25 -3.53 -10.05 -13.55
N TYR A 26 -4.53 -10.08 -12.68
CA TYR A 26 -4.43 -10.81 -11.42
C TYR A 26 -4.32 -12.30 -11.70
N THR A 27 -3.73 -13.03 -10.75
CA THR A 27 -3.65 -14.48 -10.85
C THR A 27 -4.07 -15.10 -9.53
N PRO A 28 -4.84 -16.20 -9.55
CA PRO A 28 -5.47 -16.69 -8.31
C PRO A 28 -4.47 -17.04 -7.21
N GLY A 29 -4.84 -16.70 -5.98
CA GLY A 29 -4.01 -17.00 -4.83
C GLY A 29 -2.92 -16.00 -4.56
N LEU A 30 -2.69 -15.05 -5.47
CA LEU A 30 -1.63 -14.07 -5.29
C LEU A 30 -1.82 -13.24 -4.03
N CYS A 31 -3.08 -12.96 -3.68
CA CYS A 31 -3.43 -12.16 -2.52
C CYS A 31 -4.62 -12.81 -1.84
N THR A 32 -4.75 -12.59 -0.52
CA THR A 32 -5.97 -12.97 0.19
C THR A 32 -7.03 -11.90 0.14
N HIS A 33 -6.61 -10.65 -0.05
CA HIS A 33 -7.51 -9.50 -0.10
C HIS A 33 -6.98 -8.56 -1.18
N ILE A 34 -7.89 -7.97 -1.95
CA ILE A 34 -7.56 -6.87 -2.84
C ILE A 34 -8.24 -5.62 -2.30
N LEU A 35 -7.45 -4.57 -2.09
CA LEU A 35 -7.95 -3.27 -1.72
C LEU A 35 -8.01 -2.41 -2.97
N PHE A 36 -9.18 -1.82 -3.23
CA PHE A 36 -9.43 -1.06 -4.45
C PHE A 36 -9.15 0.42 -4.16
N ALA A 37 -8.07 0.94 -4.75
CA ALA A 37 -7.74 2.35 -4.64
C ALA A 37 -8.29 3.08 -5.88
N PHE A 38 -9.22 4.03 -5.72
CA PHE A 38 -9.87 4.42 -4.47
C PHE A 38 -11.36 4.65 -4.73
N GLY A 39 -12.17 4.55 -3.68
CA GLY A 39 -13.48 5.17 -3.70
C GLY A 39 -13.39 6.63 -3.28
N TRP A 40 -14.43 7.41 -3.60
CA TRP A 40 -14.40 8.85 -3.41
C TRP A 40 -15.57 9.30 -2.54
N MET A 41 -15.64 10.62 -2.32
CA MET A 41 -16.64 11.19 -1.44
C MET A 41 -17.13 12.50 -2.04
N ASN A 42 -18.44 12.73 -1.93
CA ASN A 42 -19.05 14.00 -2.32
C ASN A 42 -18.88 15.03 -1.20
N ALA A 43 -19.18 16.29 -1.53
CA ALA A 43 -19.03 17.36 -0.54
C ALA A 43 -19.96 17.17 0.65
N ASP A 44 -21.07 16.46 0.46
CA ASP A 44 -22.01 16.21 1.54
C ASP A 44 -21.69 14.93 2.31
N TYR A 45 -20.57 14.29 2.00
CA TYR A 45 -20.01 13.12 2.68
C TYR A 45 -20.59 11.78 2.19
N THR A 46 -21.55 11.77 1.28
CA THR A 46 -21.91 10.53 0.64
C THR A 46 -20.79 10.08 -0.29
N VAL A 47 -20.76 8.80 -0.61
CA VAL A 47 -19.66 8.24 -1.38
C VAL A 47 -20.05 8.12 -2.84
N ARG A 48 -19.03 8.07 -3.70
CA ARG A 48 -19.23 7.85 -5.13
C ARG A 48 -17.92 7.30 -5.70
N ALA A 49 -18.00 6.86 -6.95
CA ALA A 49 -16.81 6.38 -7.63
C ALA A 49 -15.84 7.53 -7.89
N TYR A 50 -14.54 7.21 -7.74
CA TYR A 50 -13.48 8.15 -8.05
C TYR A 50 -13.36 8.36 -9.56
N ASP A 51 -13.36 7.27 -10.32
CA ASP A 51 -13.20 7.28 -11.76
C ASP A 51 -14.51 6.81 -12.38
N PRO A 52 -15.10 7.57 -13.31
CA PRO A 52 -16.33 7.07 -13.95
C PRO A 52 -16.16 5.68 -14.56
N ALA A 53 -14.93 5.30 -14.94
CA ALA A 53 -14.67 3.97 -15.48
C ALA A 53 -14.73 2.87 -14.43
N ASP A 54 -14.94 3.21 -13.15
CA ASP A 54 -15.19 2.19 -12.14
C ASP A 54 -16.56 1.57 -12.29
N LEU A 55 -17.51 2.31 -12.88
CA LEU A 55 -18.89 1.90 -12.98
C LEU A 55 -19.16 1.34 -14.37
N PRO A 56 -20.13 0.43 -14.49
CA PRO A 56 -20.52 -0.02 -15.84
C PRO A 56 -21.03 1.16 -16.64
N ASN A 57 -20.54 1.31 -17.87
CA ASN A 57 -21.01 2.41 -18.70
C ASN A 57 -20.74 2.09 -20.17
N ASP A 58 -21.19 3.02 -21.02
CA ASP A 58 -21.18 2.82 -22.48
C ASP A 58 -19.78 2.76 -23.04
N TRP A 59 -18.85 3.54 -22.50
CA TRP A 59 -17.51 3.63 -23.07
C TRP A 59 -16.50 2.75 -22.35
N ALA A 60 -16.71 2.49 -21.05
CA ALA A 60 -15.79 1.62 -20.31
C ALA A 60 -16.16 0.14 -20.40
N GLY A 61 -17.44 -0.18 -20.54
CA GLY A 61 -17.89 -1.56 -20.48
C GLY A 61 -18.38 -1.94 -19.07
N GLU A 62 -17.88 -3.07 -18.56
CA GLU A 62 -18.38 -3.56 -17.27
C GLU A 62 -17.94 -2.69 -16.10
N GLY A 63 -16.83 -1.98 -16.24
CA GLY A 63 -16.33 -1.13 -15.19
C GLY A 63 -15.37 -1.87 -14.26
N MET A 64 -14.51 -1.10 -13.60
CA MET A 64 -13.45 -1.71 -12.79
C MET A 64 -13.98 -2.33 -11.51
N TYR A 65 -15.06 -1.82 -10.92
CA TYR A 65 -15.63 -2.51 -9.76
C TYR A 65 -16.01 -3.94 -10.12
N ARG A 66 -16.79 -4.10 -11.19
CA ARG A 66 -17.23 -5.44 -11.56
C ARG A 66 -16.06 -6.32 -12.00
N ARG A 67 -15.06 -5.73 -12.68
CA ARG A 67 -13.95 -6.53 -13.17
C ARG A 67 -13.06 -7.01 -12.04
N VAL A 68 -12.86 -6.18 -11.01
CA VAL A 68 -12.12 -6.62 -9.83
C VAL A 68 -12.91 -7.69 -9.08
N ASN A 69 -14.20 -7.46 -8.88
CA ASN A 69 -14.96 -8.42 -8.09
C ASN A 69 -15.17 -9.75 -8.83
N LYS A 70 -15.13 -9.74 -10.16
CA LYS A 70 -15.20 -10.98 -10.92
C LYS A 70 -14.01 -11.89 -10.63
N LEU A 71 -12.91 -11.34 -10.12
CA LEU A 71 -11.75 -12.17 -9.79
C LEU A 71 -12.09 -13.22 -8.75
N LYS A 72 -13.15 -13.00 -7.96
CA LYS A 72 -13.56 -13.97 -6.95
C LYS A 72 -14.17 -15.23 -7.55
N VAL A 73 -14.56 -15.19 -8.83
CA VAL A 73 -15.08 -16.40 -9.47
C VAL A 73 -14.02 -17.49 -9.52
N THR A 74 -12.80 -17.10 -9.87
CA THR A 74 -11.68 -18.02 -10.06
C THR A 74 -10.70 -18.04 -8.89
N ASP A 75 -10.92 -17.21 -7.88
CA ASP A 75 -10.13 -17.20 -6.66
C ASP A 75 -11.17 -17.12 -5.55
N THR A 76 -11.69 -18.28 -5.13
CA THR A 76 -12.83 -18.31 -4.23
C THR A 76 -12.46 -17.93 -2.80
N GLN A 77 -11.17 -17.91 -2.44
CA GLN A 77 -10.85 -17.44 -1.10
C GLN A 77 -10.64 -15.93 -1.05
N LEU A 78 -10.66 -15.23 -2.18
CA LEU A 78 -10.32 -13.82 -2.24
C LEU A 78 -11.45 -12.95 -1.69
N LYS A 79 -11.08 -11.94 -0.90
CA LYS A 79 -12.01 -10.91 -0.45
C LYS A 79 -11.56 -9.55 -0.97
N THR A 80 -12.51 -8.64 -1.19
CA THR A 80 -12.17 -7.32 -1.69
C THR A 80 -12.67 -6.25 -0.74
N LEU A 81 -11.97 -5.12 -0.72
CA LEU A 81 -12.37 -3.96 0.06
C LEU A 81 -12.23 -2.72 -0.82
N LEU A 82 -13.09 -1.73 -0.57
CA LEU A 82 -12.99 -0.45 -1.25
C LEU A 82 -12.30 0.54 -0.32
N SER A 83 -11.23 1.16 -0.80
CA SER A 83 -10.41 2.07 -0.02
C SER A 83 -10.84 3.50 -0.30
N PHE A 84 -11.25 4.21 0.73
CA PHE A 84 -11.65 5.60 0.60
C PHE A 84 -10.52 6.51 1.05
N GLY A 85 -10.20 7.50 0.23
CA GLY A 85 -9.19 8.46 0.60
C GLY A 85 -7.95 8.39 -0.27
N GLY A 86 -6.79 8.29 0.38
CA GLY A 86 -5.52 8.30 -0.31
C GLY A 86 -4.92 9.69 -0.34
N TRP A 87 -3.78 9.79 -1.03
CA TRP A 87 -2.97 11.01 -0.96
C TRP A 87 -3.66 12.18 -1.64
N SER A 88 -4.12 11.98 -2.88
CA SER A 88 -4.75 13.07 -3.63
C SER A 88 -5.99 13.57 -2.92
N PHE A 89 -6.74 12.67 -2.29
CA PHE A 89 -7.98 13.04 -1.62
C PHE A 89 -7.75 14.12 -0.57
N GLY A 90 -6.62 14.06 0.13
CA GLY A 90 -6.31 15.09 1.10
C GLY A 90 -7.04 14.89 2.42
N THR A 91 -7.05 15.96 3.22
CA THR A 91 -7.57 15.89 4.59
C THR A 91 -8.85 16.68 4.82
N ALA A 92 -9.08 17.75 4.05
CA ALA A 92 -10.18 18.66 4.39
C ALA A 92 -11.52 17.95 4.41
N LEU A 93 -11.81 17.12 3.41
CA LEU A 93 -13.09 16.44 3.36
C LEU A 93 -13.25 15.43 4.50
N PHE A 94 -12.17 14.72 4.85
CA PHE A 94 -12.22 13.83 6.00
C PHE A 94 -12.47 14.61 7.29
N GLN A 95 -11.81 15.75 7.44
CA GLN A 95 -11.98 16.55 8.65
C GLN A 95 -13.43 17.00 8.80
N GLY A 96 -14.07 17.38 7.69
CA GLY A 96 -15.47 17.76 7.76
C GLY A 96 -16.37 16.56 7.98
N MET A 97 -16.12 15.46 7.26
CA MET A 97 -16.98 14.29 7.38
C MET A 97 -16.95 13.73 8.79
N ALA A 98 -15.80 13.78 9.45
CA ALA A 98 -15.65 13.16 10.76
C ALA A 98 -16.11 14.05 11.91
N ALA A 99 -16.60 15.25 11.62
CA ALA A 99 -16.75 16.27 12.66
C ALA A 99 -17.79 15.94 13.71
N SER A 100 -18.85 15.23 13.36
CA SER A 100 -19.95 14.97 14.30
C SER A 100 -20.53 13.59 14.06
N SER A 101 -21.33 13.12 15.02
CA SER A 101 -22.07 11.87 14.82
C SER A 101 -22.91 11.93 13.54
N ALA A 102 -23.55 13.07 13.28
CA ALA A 102 -24.43 13.18 12.13
C ALA A 102 -23.65 13.16 10.82
N SER A 103 -22.53 13.88 10.75
CA SER A 103 -21.75 13.88 9.52
C SER A 103 -21.11 12.52 9.28
N ARG A 104 -20.62 11.88 10.34
CA ARG A 104 -20.06 10.54 10.19
C ARG A 104 -21.12 9.55 9.73
N LYS A 105 -22.36 9.68 10.23
CA LYS A 105 -23.41 8.75 9.85
C LYS A 105 -23.74 8.84 8.37
N VAL A 106 -23.73 10.06 7.81
CA VAL A 106 -23.97 10.20 6.37
C VAL A 106 -22.99 9.36 5.58
N PHE A 107 -21.70 9.48 5.91
CA PHE A 107 -20.68 8.72 5.20
C PHE A 107 -20.81 7.23 5.47
N ILE A 108 -20.95 6.86 6.74
CA ILE A 108 -21.00 5.44 7.13
C ILE A 108 -22.13 4.73 6.40
N ASP A 109 -23.35 5.27 6.47
CA ASP A 109 -24.49 4.63 5.82
C ASP A 109 -24.28 4.55 4.32
N SER A 110 -23.76 5.63 3.73
CA SER A 110 -23.54 5.66 2.28
C SER A 110 -22.46 4.66 1.86
N ALA A 111 -21.39 4.54 2.65
CA ALA A 111 -20.33 3.62 2.30
C ALA A 111 -20.79 2.17 2.38
N ILE A 112 -21.57 1.83 3.41
CA ILE A 112 -22.06 0.47 3.57
C ILE A 112 -22.95 0.07 2.40
N THR A 113 -23.92 0.93 2.06
CA THR A 113 -24.76 0.68 0.89
C THR A 113 -23.94 0.54 -0.37
N PHE A 114 -22.94 1.41 -0.55
CA PHE A 114 -22.17 1.45 -1.78
C PHE A 114 -21.35 0.18 -1.97
N VAL A 115 -20.67 -0.27 -0.91
CA VAL A 115 -19.84 -1.47 -1.04
C VAL A 115 -20.71 -2.70 -1.26
N ARG A 116 -21.89 -2.76 -0.62
CA ARG A 116 -22.79 -3.89 -0.89
C ARG A 116 -23.29 -3.86 -2.33
N THR A 117 -23.64 -2.68 -2.84
CA THR A 117 -24.11 -2.57 -4.22
C THR A 117 -23.06 -3.08 -5.19
N TRP A 118 -21.80 -2.73 -4.97
CA TRP A 118 -20.74 -3.00 -5.94
C TRP A 118 -19.92 -4.24 -5.61
N GLY A 119 -20.28 -4.98 -4.57
CA GLY A 119 -19.77 -6.32 -4.38
C GLY A 119 -18.52 -6.45 -3.54
N PHE A 120 -18.17 -5.43 -2.76
CA PHE A 120 -17.01 -5.49 -1.88
C PHE A 120 -17.39 -6.07 -0.52
N ASP A 121 -16.40 -6.67 0.13
CA ASP A 121 -16.54 -7.29 1.45
C ASP A 121 -16.02 -6.41 2.59
N GLY A 122 -15.60 -5.19 2.32
CA GLY A 122 -15.07 -4.36 3.38
C GLY A 122 -14.85 -2.93 2.97
N ILE A 123 -14.65 -2.09 3.98
CA ILE A 123 -14.41 -0.66 3.84
C ILE A 123 -13.06 -0.37 4.47
N ASP A 124 -12.15 0.20 3.68
CA ASP A 124 -10.80 0.56 4.12
C ASP A 124 -10.71 2.07 4.10
N ILE A 125 -10.24 2.66 5.19
CA ILE A 125 -10.18 4.11 5.33
C ILE A 125 -8.71 4.54 5.22
N ASP A 126 -8.40 5.37 4.23
CA ASP A 126 -7.04 5.83 4.01
C ASP A 126 -6.93 7.35 4.17
N TRP A 127 -7.27 7.84 5.36
CA TRP A 127 -7.16 9.27 5.65
C TRP A 127 -5.71 9.61 5.93
N GLU A 128 -5.13 10.47 5.10
CA GLU A 128 -3.73 10.82 5.27
C GLU A 128 -3.57 12.31 5.54
N TYR A 129 -3.63 12.75 6.79
CA TYR A 129 -3.75 11.90 7.98
C TYR A 129 -4.56 12.68 8.99
N PRO A 130 -5.27 12.00 9.89
CA PRO A 130 -5.84 12.71 11.03
C PRO A 130 -4.71 13.37 11.80
N SER A 131 -4.94 14.60 12.27
CA SER A 131 -3.86 15.34 12.93
C SER A 131 -4.47 16.34 13.90
N GLY A 132 -4.02 16.29 15.15
CA GLY A 132 -4.58 17.12 16.20
C GLY A 132 -5.59 16.36 17.05
N ALA A 133 -5.86 16.90 18.24
CA ALA A 133 -6.75 16.19 19.16
C ALA A 133 -8.16 16.04 18.62
N THR A 134 -8.63 17.03 17.86
CA THR A 134 -9.99 16.93 17.31
C THR A 134 -10.09 15.79 16.29
N ASP A 135 -9.19 15.78 15.30
CA ASP A 135 -9.17 14.68 14.34
C ASP A 135 -8.97 13.35 15.03
N MET A 136 -8.09 13.31 16.04
CA MET A 136 -7.78 12.06 16.72
C MET A 136 -9.03 11.45 17.33
N ALA A 137 -9.82 12.25 18.04
CA ALA A 137 -11.04 11.74 18.67
C ALA A 137 -12.10 11.45 17.63
N ASN A 138 -12.19 12.29 16.59
CA ASN A 138 -13.18 12.06 15.54
C ASN A 138 -12.88 10.80 14.75
N TYR A 139 -11.59 10.49 14.56
CA TYR A 139 -11.19 9.27 13.85
C TYR A 139 -11.52 8.04 14.68
N VAL A 140 -11.25 8.08 15.99
CA VAL A 140 -11.69 7.02 16.89
C VAL A 140 -13.20 6.79 16.76
N ALA A 141 -13.97 7.88 16.77
CA ALA A 141 -15.42 7.75 16.67
C ALA A 141 -15.83 7.21 15.32
N LEU A 142 -15.16 7.65 14.25
CA LEU A 142 -15.48 7.16 12.91
C LEU A 142 -15.30 5.65 12.82
N VAL A 143 -14.14 5.15 13.28
CA VAL A 143 -13.89 3.72 13.16
C VAL A 143 -14.82 2.92 14.06
N LYS A 144 -15.08 3.42 15.27
CA LYS A 144 -15.99 2.73 16.18
C LYS A 144 -17.40 2.69 15.62
N GLU A 145 -17.89 3.84 15.14
CA GLU A 145 -19.25 3.90 14.61
C GLU A 145 -19.37 3.15 13.29
N LEU A 146 -18.30 3.12 12.50
CA LEU A 146 -18.33 2.32 11.27
C LEU A 146 -18.46 0.84 11.58
N LYS A 147 -17.63 0.31 12.49
CA LYS A 147 -17.76 -1.09 12.85
C LYS A 147 -19.15 -1.39 13.39
N ALA A 148 -19.67 -0.51 14.25
CA ALA A 148 -20.99 -0.74 14.82
C ALA A 148 -22.07 -0.79 13.74
N ALA A 149 -21.99 0.11 12.76
CA ALA A 149 -22.98 0.09 11.68
C ALA A 149 -22.81 -1.15 10.80
N CYS A 150 -21.56 -1.62 10.64
CA CYS A 150 -21.36 -2.88 9.92
C CYS A 150 -21.96 -4.04 10.69
N GLU A 151 -21.80 -4.06 12.02
CA GLU A 151 -22.44 -5.10 12.81
C GLU A 151 -23.96 -5.03 12.68
N SER A 152 -24.52 -3.82 12.67
CA SER A 152 -25.97 -3.68 12.54
C SER A 152 -26.47 -4.16 11.18
N GLU A 153 -25.77 -3.82 10.11
CA GLU A 153 -26.18 -4.26 8.78
C GLU A 153 -26.11 -5.78 8.67
N ALA A 154 -25.09 -6.40 9.28
CA ALA A 154 -24.97 -7.85 9.23
C ALA A 154 -26.11 -8.52 9.97
N GLY A 155 -26.45 -8.02 11.16
CA GLY A 155 -27.56 -8.62 11.89
C GLY A 155 -28.88 -8.43 11.18
N SER A 156 -29.04 -7.29 10.50
CA SER A 156 -30.28 -7.01 9.78
C SER A 156 -30.46 -7.94 8.59
N THR A 157 -29.38 -8.19 7.83
CA THR A 157 -29.46 -8.93 6.59
C THR A 157 -29.06 -10.39 6.72
N GLY A 158 -28.42 -10.79 7.81
CA GLY A 158 -27.94 -12.14 7.97
C GLY A 158 -26.61 -12.46 7.30
N LYS A 159 -25.99 -11.49 6.64
CA LYS A 159 -24.73 -11.70 5.95
C LYS A 159 -23.57 -11.49 6.91
N ASP A 160 -22.41 -12.05 6.55
CA ASP A 160 -21.18 -11.77 7.28
C ASP A 160 -20.88 -10.28 7.22
N ARG A 161 -20.45 -9.72 8.34
CA ARG A 161 -20.28 -8.27 8.38
C ARG A 161 -19.09 -7.82 7.55
N LEU A 162 -19.20 -6.61 7.03
CA LEU A 162 -18.12 -5.98 6.29
C LEU A 162 -16.90 -5.82 7.18
N LEU A 163 -15.72 -5.99 6.59
CA LEU A 163 -14.46 -5.67 7.25
C LEU A 163 -14.25 -4.17 7.34
N VAL A 164 -13.52 -3.76 8.38
CA VAL A 164 -13.15 -2.37 8.61
C VAL A 164 -11.66 -2.31 8.83
N THR A 165 -10.95 -1.63 7.93
CA THR A 165 -9.48 -1.57 7.98
C THR A 165 -9.06 -0.14 7.69
N ALA A 166 -7.75 0.13 7.81
CA ALA A 166 -7.21 1.43 7.44
C ALA A 166 -5.76 1.29 7.05
N ALA A 167 -5.34 2.08 6.07
CA ALA A 167 -3.92 2.31 5.82
C ALA A 167 -3.46 3.45 6.72
N VAL A 168 -2.41 3.20 7.50
CA VAL A 168 -2.04 4.10 8.59
C VAL A 168 -0.58 4.52 8.49
N ALA A 169 -0.29 5.70 9.04
CA ALA A 169 1.05 6.28 9.01
C ALA A 169 2.08 5.43 9.76
N ALA A 170 3.32 5.50 9.28
CA ALA A 170 4.45 4.83 9.90
C ALA A 170 5.39 5.76 10.66
N GLY A 171 5.31 7.07 10.44
CA GLY A 171 6.21 8.01 11.08
C GLY A 171 5.77 8.35 12.48
N PRO A 172 6.70 8.36 13.44
CA PRO A 172 6.30 8.55 14.85
C PRO A 172 5.54 9.84 15.10
N ALA A 173 5.99 10.96 14.54
CA ALA A 173 5.29 12.23 14.78
C ALA A 173 3.88 12.19 14.23
N THR A 174 3.70 11.64 13.03
CA THR A 174 2.37 11.55 12.44
C THR A 174 1.49 10.60 13.23
N ILE A 175 2.04 9.47 13.68
CA ILE A 175 1.28 8.54 14.53
C ILE A 175 0.82 9.25 15.80
N ASP A 176 1.75 9.94 16.47
CA ASP A 176 1.44 10.56 17.75
C ASP A 176 0.37 11.64 17.60
N ALA A 177 0.41 12.39 16.51
CA ALA A 177 -0.50 13.52 16.35
C ALA A 177 -1.90 13.09 15.98
N GLY A 178 -2.08 11.89 15.44
CA GLY A 178 -3.37 11.56 14.86
C GLY A 178 -4.05 10.29 15.33
N TYR A 179 -3.32 9.36 15.93
CA TYR A 179 -3.84 8.01 16.16
C TYR A 179 -3.86 7.68 17.66
N ASP A 180 -5.06 7.53 18.21
CA ASP A 180 -5.25 7.07 19.59
C ASP A 180 -5.36 5.55 19.51
N ILE A 181 -4.18 4.92 19.51
CA ILE A 181 -4.11 3.50 19.15
C ILE A 181 -4.90 2.57 20.06
N PRO A 182 -4.87 2.72 21.40
CA PRO A 182 -5.67 1.80 22.22
C PRO A 182 -7.16 1.90 21.96
N ASN A 183 -7.64 3.06 21.52
CA ASN A 183 -9.06 3.23 21.25
C ASN A 183 -9.42 2.96 19.79
N LEU A 184 -8.43 2.72 18.94
CA LEU A 184 -8.64 2.29 17.56
C LEU A 184 -8.59 0.77 17.42
N ALA A 185 -7.63 0.13 18.08
CA ALA A 185 -7.44 -1.31 17.91
C ALA A 185 -8.70 -2.14 18.03
N PRO A 186 -9.61 -1.91 18.99
CA PRO A 186 -10.77 -2.81 19.11
C PRO A 186 -11.67 -2.82 17.89
N ASN A 187 -11.61 -1.79 17.05
CA ASN A 187 -12.60 -1.60 16.00
C ASN A 187 -12.06 -1.84 14.60
N PHE A 188 -10.78 -2.17 14.46
CA PHE A 188 -10.20 -2.55 13.18
C PHE A 188 -10.06 -4.06 13.10
N ASP A 189 -10.37 -4.62 11.93
CA ASP A 189 -10.01 -6.01 11.67
C ASP A 189 -8.51 -6.16 11.49
N PHE A 190 -7.88 -5.22 10.80
CA PHE A 190 -6.43 -5.13 10.71
C PHE A 190 -6.11 -3.74 10.18
N ILE A 191 -4.84 -3.36 10.31
CA ILE A 191 -4.35 -2.12 9.74
C ILE A 191 -3.25 -2.43 8.73
N LEU A 192 -3.20 -1.60 7.69
CA LEU A 192 -2.20 -1.67 6.63
C LEU A 192 -1.15 -0.62 6.98
N LEU A 193 -0.05 -1.07 7.59
CA LEU A 193 0.99 -0.15 8.05
C LEU A 193 1.81 0.33 6.85
N MET A 194 1.76 1.64 6.57
CA MET A 194 2.44 2.21 5.40
C MET A 194 3.93 2.38 5.67
N SER A 195 4.58 1.22 5.85
CA SER A 195 6.00 1.14 6.22
C SER A 195 6.88 1.26 4.98
N TYR A 196 6.78 2.41 4.34
CA TYR A 196 7.52 2.72 3.12
C TYR A 196 7.47 4.23 2.95
N ASP A 197 8.06 4.72 1.86
CA ASP A 197 8.17 6.17 1.62
C ASP A 197 8.93 6.89 2.73
N PHE A 198 9.90 6.21 3.35
CA PHE A 198 10.64 6.82 4.44
C PHE A 198 11.61 7.88 3.93
N PHE A 199 12.30 7.60 2.82
CA PHE A 199 13.16 8.56 2.14
C PHE A 199 12.72 8.64 0.69
N GLY A 200 12.83 9.82 0.11
CA GLY A 200 12.33 9.99 -1.25
C GLY A 200 12.74 11.34 -1.82
N ALA A 201 12.34 11.55 -3.07
CA ALA A 201 12.85 12.67 -3.87
C ALA A 201 12.24 14.02 -3.50
N TRP A 202 11.31 14.07 -2.53
CA TRP A 202 10.89 15.34 -1.97
C TRP A 202 12.01 16.03 -1.20
N ALA A 203 13.08 15.31 -0.86
CA ALA A 203 14.20 15.84 -0.12
C ALA A 203 15.51 15.44 -0.81
N SER A 204 16.58 16.16 -0.46
CA SER A 204 17.86 15.89 -1.10
C SER A 204 18.61 14.72 -0.47
N LEU A 205 18.24 14.29 0.73
CA LEU A 205 18.94 13.19 1.39
C LEU A 205 18.63 11.88 0.68
N VAL A 206 19.67 11.22 0.18
CA VAL A 206 19.52 9.97 -0.54
C VAL A 206 19.46 8.83 0.46
N GLY A 207 18.33 8.13 0.49
CA GLY A 207 18.14 7.03 1.43
C GLY A 207 17.25 5.95 0.87
N PHE A 208 16.64 5.15 1.75
CA PHE A 208 15.90 3.97 1.32
C PHE A 208 14.39 4.19 1.43
N ASN A 209 13.68 3.74 0.40
CA ASN A 209 12.22 3.82 0.41
C ASN A 209 11.64 3.04 1.60
N SER A 210 12.09 1.81 1.80
CA SER A 210 11.52 0.94 2.83
C SER A 210 12.61 0.09 3.47
N PRO A 211 13.55 0.72 4.17
CA PRO A 211 14.57 -0.06 4.88
C PRO A 211 13.91 -0.87 6.00
N LEU A 212 14.33 -2.14 6.15
CA LEU A 212 13.78 -2.96 7.22
C LEU A 212 14.22 -2.45 8.59
N TYR A 213 15.48 -2.06 8.70
CA TYR A 213 16.04 -1.47 9.90
C TYR A 213 16.80 -0.21 9.50
N ALA A 214 17.15 0.59 10.50
CA ALA A 214 17.99 1.75 10.27
C ALA A 214 19.39 1.34 9.82
N THR A 215 20.12 2.30 9.27
CA THR A 215 21.55 2.10 9.02
C THR A 215 22.34 3.28 9.57
N ALA A 216 23.52 2.98 10.10
CA ALA A 216 24.44 4.04 10.53
C ALA A 216 24.96 4.87 9.37
N GLU A 217 24.69 4.47 8.13
CA GLU A 217 25.02 5.30 6.98
C GLU A 217 24.14 6.53 6.88
N LEU A 218 23.00 6.54 7.55
CA LEU A 218 22.07 7.67 7.49
C LEU A 218 22.06 8.42 8.82
N PRO A 219 21.67 9.69 8.82
CA PRO A 219 21.73 10.49 10.05
C PRO A 219 20.84 9.92 11.15
N ALA A 220 21.32 10.02 12.39
CA ALA A 220 20.65 9.39 13.52
C ALA A 220 19.25 9.93 13.76
N GLU A 221 18.97 11.17 13.36
CA GLU A 221 17.63 11.72 13.55
C GLU A 221 16.56 10.88 12.86
N TRP A 222 16.94 10.06 11.89
CA TRP A 222 16.00 9.24 11.13
C TRP A 222 15.94 7.80 11.62
N ASN A 223 16.46 7.52 12.82
CA ASN A 223 16.57 6.13 13.27
C ASN A 223 15.23 5.43 13.45
N GLY A 224 14.14 6.16 13.54
CA GLY A 224 12.82 5.55 13.62
C GLY A 224 12.14 5.36 12.28
N TRP A 225 12.77 5.81 11.21
CA TRP A 225 12.15 5.80 9.89
C TRP A 225 12.56 4.53 9.12
N ASN A 226 11.96 3.42 9.54
CA ASN A 226 12.22 2.11 8.95
C ASN A 226 11.08 1.19 9.33
N VAL A 227 10.98 0.07 8.62
CA VAL A 227 9.84 -0.84 8.79
C VAL A 227 9.73 -1.32 10.23
N ASP A 228 10.83 -1.86 10.78
CA ASP A 228 10.76 -2.48 12.10
C ASP A 228 10.42 -1.48 13.19
N SER A 229 11.03 -0.29 13.16
CA SER A 229 10.69 0.72 14.15
C SER A 229 9.21 1.08 14.10
N SER A 230 8.64 1.17 12.89
N SER A 230 8.65 1.16 12.90
CA SER A 230 7.24 1.55 12.78
CA SER A 230 7.24 1.55 12.76
C SER A 230 6.30 0.44 13.27
C SER A 230 6.32 0.44 13.27
N ALA A 231 6.64 -0.82 12.99
CA ALA A 231 5.80 -1.91 13.43
C ALA A 231 5.87 -2.07 14.95
N ARG A 232 7.09 -1.99 15.51
CA ARG A 232 7.25 -1.98 16.96
C ARG A 232 6.44 -0.86 17.59
N TYR A 233 6.45 0.31 16.96
CA TYR A 233 5.79 1.48 17.53
C TYR A 233 4.29 1.24 17.64
N TRP A 234 3.67 0.76 16.56
CA TRP A 234 2.25 0.46 16.58
C TRP A 234 1.92 -0.59 17.63
N ASN A 235 2.78 -1.61 17.75
CA ASN A 235 2.52 -2.67 18.72
C ASN A 235 2.65 -2.16 20.15
N GLN A 236 3.71 -1.39 20.42
CA GLN A 236 3.92 -0.87 21.77
C GLN A 236 2.80 0.08 22.19
N LYS A 237 2.24 0.82 21.23
CA LYS A 237 1.14 1.73 21.53
C LYS A 237 -0.20 1.05 21.67
N GLY A 238 -0.28 -0.26 21.39
CA GLY A 238 -1.47 -1.01 21.70
C GLY A 238 -2.13 -1.81 20.59
N MET A 239 -1.55 -1.82 19.38
CA MET A 239 -2.12 -2.63 18.31
C MET A 239 -1.57 -4.05 18.38
N PRO A 240 -2.40 -5.08 18.53
CA PRO A 240 -1.87 -6.45 18.58
C PRO A 240 -1.13 -6.79 17.29
N LYS A 241 -0.06 -7.58 17.41
CA LYS A 241 0.77 -7.90 16.25
C LYS A 241 -0.03 -8.55 15.14
N GLU A 242 -1.03 -9.38 15.48
CA GLU A 242 -1.80 -10.06 14.45
C GLU A 242 -2.61 -9.09 13.60
N LYS A 243 -2.83 -7.86 14.06
CA LYS A 243 -3.53 -6.84 13.28
C LYS A 243 -2.59 -5.93 12.50
N ILE A 244 -1.27 -6.06 12.67
CA ILE A 244 -0.31 -5.22 11.98
C ILE A 244 0.11 -5.93 10.69
N ILE A 245 -0.30 -5.38 9.56
CA ILE A 245 0.04 -5.91 8.25
C ILE A 245 1.14 -5.03 7.67
N VAL A 246 2.32 -5.61 7.46
CA VAL A 246 3.52 -4.85 7.10
C VAL A 246 3.46 -4.44 5.63
N GLY A 247 3.74 -3.17 5.35
CA GLY A 247 3.68 -2.67 3.98
C GLY A 247 4.91 -3.01 3.18
N MET A 248 4.67 -3.42 1.94
CA MET A 248 5.72 -3.87 1.01
C MET A 248 5.58 -3.10 -0.29
N PRO A 249 6.61 -2.35 -0.71
CA PRO A 249 6.53 -1.62 -1.97
C PRO A 249 7.07 -2.45 -3.13
N THR A 250 6.39 -2.36 -4.28
CA THR A 250 6.95 -2.91 -5.51
C THR A 250 7.52 -1.83 -6.41
N TYR A 251 7.35 -0.56 -6.06
CA TYR A 251 8.01 0.57 -6.69
C TYR A 251 9.30 0.88 -5.92
N GLY A 252 10.07 1.84 -6.46
CA GLY A 252 11.24 2.35 -5.78
C GLY A 252 11.28 3.86 -5.89
N ARG A 253 12.27 4.47 -5.21
CA ARG A 253 12.43 5.92 -5.18
C ARG A 253 13.86 6.26 -5.51
N GLY A 254 14.06 7.33 -6.27
CA GLY A 254 15.37 7.56 -6.86
C GLY A 254 15.75 9.02 -6.99
N TRP A 255 17.06 9.23 -7.12
CA TRP A 255 17.66 10.55 -7.15
C TRP A 255 18.61 10.66 -8.34
N THR A 256 18.74 11.88 -8.85
CA THR A 256 19.90 12.28 -9.64
C THR A 256 20.97 12.75 -8.66
N LEU A 257 22.09 12.04 -8.60
CA LEU A 257 23.12 12.36 -7.63
C LEU A 257 23.70 13.74 -7.90
N ASN A 258 24.01 14.47 -6.82
CA ASN A 258 24.74 15.73 -6.99
C ASN A 258 26.16 15.47 -7.48
N ASN A 259 26.74 14.33 -7.10
CA ASN A 259 28.09 13.96 -7.50
C ASN A 259 28.06 12.47 -7.82
N ALA A 260 28.22 12.12 -9.10
CA ALA A 260 28.14 10.73 -9.52
C ALA A 260 29.20 9.84 -8.88
N SER A 261 30.27 10.44 -8.33
CA SER A 261 31.29 9.65 -7.65
C SER A 261 30.97 9.42 -6.18
N ALA A 262 29.91 10.02 -5.65
CA ALA A 262 29.49 9.86 -4.26
C ALA A 262 28.19 9.05 -4.28
N ILE A 263 28.29 7.73 -4.07
CA ILE A 263 27.17 6.83 -4.27
C ILE A 263 26.73 6.14 -2.99
N ASN A 264 27.19 6.61 -1.85
CA ASN A 264 26.84 5.96 -0.58
C ASN A 264 25.43 6.38 -0.16
N PRO A 265 24.66 5.47 0.44
CA PRO A 265 23.46 5.89 1.17
C PRO A 265 23.84 7.03 2.11
N GLY A 266 23.03 8.09 2.10
CA GLY A 266 23.34 9.28 2.86
C GLY A 266 23.95 10.40 2.07
N THR A 267 24.20 10.19 0.78
CA THR A 267 24.68 11.26 -0.09
C THR A 267 23.51 12.20 -0.39
N SER A 268 23.69 13.09 -1.37
N SER A 268 23.70 13.10 -1.36
CA SER A 268 22.69 14.10 -1.68
CA SER A 268 22.69 14.10 -1.69
C SER A 268 22.37 14.06 -3.17
C SER A 268 22.37 14.06 -3.17
N GLY A 269 21.15 14.47 -3.50
CA GLY A 269 20.74 14.51 -4.89
C GLY A 269 19.44 15.28 -5.06
N SER A 270 19.00 15.36 -6.31
CA SER A 270 17.70 15.90 -6.70
C SER A 270 16.89 14.74 -7.25
N PRO A 271 15.67 14.92 -7.75
CA PRO A 271 14.90 13.75 -8.21
C PRO A 271 15.55 13.03 -9.38
N ALA A 272 15.35 11.71 -9.42
CA ALA A 272 15.78 10.90 -10.55
C ALA A 272 15.04 11.35 -11.82
N LYS A 273 15.64 11.01 -12.96
CA LYS A 273 14.96 11.17 -14.24
C LYS A 273 13.64 10.43 -14.24
N ILE A 274 12.61 11.05 -14.82
CA ILE A 274 11.31 10.42 -14.95
C ILE A 274 11.45 9.13 -15.73
N THR A 275 10.80 8.07 -15.26
CA THR A 275 10.88 6.79 -15.96
C THR A 275 9.80 6.68 -17.03
N GLN A 276 10.05 5.80 -17.99
CA GLN A 276 9.21 5.75 -19.19
C GLN A 276 7.76 5.47 -18.85
N TYR A 277 7.50 4.49 -18.00
CA TYR A 277 6.11 4.05 -17.81
C TYR A 277 5.42 4.72 -16.64
N VAL A 278 6.14 4.99 -15.54
CA VAL A 278 5.46 5.57 -14.39
C VAL A 278 5.25 7.08 -14.56
N GLN A 279 6.16 7.75 -15.27
CA GLN A 279 5.98 9.17 -15.63
C GLN A 279 5.85 10.07 -14.39
N GLU A 280 6.55 9.74 -13.31
CA GLU A 280 6.49 10.49 -12.07
C GLU A 280 7.90 10.65 -11.53
N ALA A 281 8.36 11.89 -11.38
CA ALA A 281 9.76 12.16 -11.06
C ALA A 281 10.09 11.63 -9.68
N GLY A 282 11.10 10.76 -9.60
CA GLY A 282 11.56 10.22 -8.34
C GLY A 282 11.00 8.87 -7.97
N VAL A 283 10.09 8.30 -8.76
CA VAL A 283 9.60 6.94 -8.54
C VAL A 283 9.75 6.14 -9.82
N GLY A 284 9.75 4.81 -9.65
CA GLY A 284 9.78 3.89 -10.77
C GLY A 284 9.26 2.54 -10.33
N ALA A 285 9.03 1.67 -11.30
CA ALA A 285 8.46 0.36 -11.05
C ALA A 285 9.53 -0.71 -11.09
N TYR A 286 9.28 -1.83 -10.38
CA TYR A 286 10.21 -2.96 -10.44
C TYR A 286 10.53 -3.35 -11.88
N PHE A 287 9.52 -3.36 -12.76
CA PHE A 287 9.77 -3.77 -14.14
C PHE A 287 10.55 -2.73 -14.94
N GLU A 288 10.77 -1.55 -14.39
CA GLU A 288 11.76 -0.63 -14.95
C GLU A 288 13.15 -0.89 -14.38
N PHE A 289 13.25 -1.16 -13.07
CA PHE A 289 14.56 -1.42 -12.47
C PHE A 289 15.20 -2.67 -13.05
N CYS A 290 14.41 -3.71 -13.35
CA CYS A 290 15.00 -4.93 -13.90
C CYS A 290 15.70 -4.65 -15.22
N GLU A 291 15.16 -3.75 -16.03
CA GLU A 291 15.81 -3.40 -17.29
C GLU A 291 17.06 -2.57 -17.06
N MET A 292 17.04 -1.67 -16.07
CA MET A 292 18.24 -0.93 -15.72
C MET A 292 19.39 -1.88 -15.39
N LEU A 293 19.11 -2.92 -14.61
CA LEU A 293 20.13 -3.90 -14.26
C LEU A 293 20.60 -4.66 -15.50
N ALA A 294 19.67 -5.11 -16.34
CA ALA A 294 20.04 -5.78 -17.57
C ALA A 294 20.94 -4.89 -18.43
N ASN A 295 20.68 -3.59 -18.40
CA ASN A 295 21.41 -2.62 -19.20
C ASN A 295 22.71 -2.15 -18.56
N GLY A 296 23.08 -2.68 -17.41
CA GLY A 296 24.40 -2.43 -16.85
C GLY A 296 24.44 -1.64 -15.56
N ALA A 297 23.30 -1.27 -14.98
CA ALA A 297 23.35 -0.62 -13.68
C ALA A 297 23.98 -1.56 -12.66
N THR A 298 24.67 -0.98 -11.68
CA THR A 298 25.36 -1.76 -10.67
C THR A 298 24.47 -1.89 -9.44
N ARG A 299 24.27 -3.13 -8.98
CA ARG A 299 23.42 -3.40 -7.84
C ARG A 299 24.25 -3.59 -6.58
N TYR A 300 23.79 -2.97 -5.49
CA TYR A 300 24.41 -3.10 -4.18
C TYR A 300 23.37 -3.61 -3.20
N TRP A 301 23.81 -4.35 -2.19
CA TRP A 301 22.97 -4.80 -1.10
C TRP A 301 23.37 -4.05 0.17
N ASP A 302 22.42 -3.35 0.78
CA ASP A 302 22.70 -2.69 2.05
C ASP A 302 22.42 -3.67 3.18
N SER A 303 23.48 -4.07 3.90
CA SER A 303 23.29 -5.13 4.89
C SER A 303 22.59 -4.65 6.17
N GLN A 304 22.78 -3.41 6.57
CA GLN A 304 22.08 -2.95 7.78
C GLN A 304 20.60 -2.77 7.54
N SER A 305 20.24 -2.14 6.42
CA SER A 305 18.83 -1.90 6.12
C SER A 305 18.17 -3.03 5.35
N GLN A 306 18.96 -3.92 4.76
CA GLN A 306 18.47 -5.17 4.18
C GLN A 306 17.60 -4.94 2.94
N VAL A 307 18.06 -4.03 2.08
CA VAL A 307 17.38 -3.68 0.85
C VAL A 307 18.45 -3.37 -0.20
N PRO A 308 18.14 -3.52 -1.48
CA PRO A 308 19.09 -3.20 -2.54
C PRO A 308 19.01 -1.74 -2.94
N TYR A 309 20.06 -1.30 -3.62
CA TYR A 309 20.02 -0.05 -4.37
C TYR A 309 20.83 -0.25 -5.64
N LEU A 310 20.56 0.57 -6.64
CA LEU A 310 21.32 0.44 -7.88
C LEU A 310 21.80 1.82 -8.32
N VAL A 311 22.91 1.82 -9.05
CA VAL A 311 23.53 3.04 -9.55
C VAL A 311 23.76 2.87 -11.04
N GLN A 312 23.28 3.85 -11.82
CA GLN A 312 23.42 3.85 -13.28
C GLN A 312 23.82 5.28 -13.64
N GLY A 313 25.12 5.50 -13.87
CA GLY A 313 25.58 6.86 -14.09
C GLY A 313 25.30 7.71 -12.86
N ASN A 314 24.64 8.85 -13.07
CA ASN A 314 24.27 9.71 -11.97
C ASN A 314 22.90 9.37 -11.36
N GLN A 315 22.32 8.24 -11.71
CA GLN A 315 21.01 7.83 -11.19
C GLN A 315 21.21 6.83 -10.07
N TRP A 316 20.54 7.06 -8.93
CA TRP A 316 20.67 6.23 -7.74
C TRP A 316 19.26 5.85 -7.31
N TRP A 317 18.98 4.55 -7.24
CA TRP A 317 17.63 4.04 -6.99
C TRP A 317 17.60 3.14 -5.77
N SER A 318 16.72 3.46 -4.83
CA SER A 318 16.34 2.54 -3.78
C SER A 318 15.09 1.78 -4.23
N TYR A 319 15.12 0.46 -4.17
CA TYR A 319 13.99 -0.34 -4.63
C TYR A 319 13.91 -1.59 -3.79
N ASP A 320 12.96 -2.47 -4.12
CA ASP A 320 12.82 -3.75 -3.46
C ASP A 320 12.73 -4.84 -4.53
N ASP A 321 13.11 -6.05 -4.16
CA ASP A 321 13.23 -7.14 -5.14
C ASP A 321 12.92 -8.46 -4.46
N GLU A 322 13.13 -9.56 -5.18
CA GLU A 322 12.83 -10.87 -4.60
C GLU A 322 13.64 -11.10 -3.34
N GLU A 323 14.91 -10.69 -3.35
CA GLU A 323 15.77 -10.93 -2.19
C GLU A 323 15.31 -10.11 -0.98
N SER A 324 14.95 -8.85 -1.19
CA SER A 324 14.51 -8.07 -0.03
C SER A 324 13.13 -8.52 0.45
N PHE A 325 12.26 -8.90 -0.49
CA PHE A 325 10.96 -9.47 -0.09
C PHE A 325 11.15 -10.74 0.74
N ALA A 326 12.09 -11.62 0.33
CA ALA A 326 12.28 -12.87 1.07
C ALA A 326 12.77 -12.62 2.49
N ASN A 327 13.70 -11.69 2.66
CA ASN A 327 14.18 -11.39 4.02
C ASN A 327 13.09 -10.72 4.85
N LYS A 328 12.27 -9.89 4.22
CA LYS A 328 11.16 -9.27 4.93
C LYS A 328 10.08 -10.29 5.31
N MET A 329 9.87 -11.35 4.50
CA MET A 329 8.92 -12.37 4.91
C MET A 329 9.45 -13.18 6.07
N ALA A 330 10.76 -13.46 6.08
CA ALA A 330 11.34 -14.11 7.26
C ALA A 330 11.12 -13.27 8.50
N TYR A 331 11.27 -11.95 8.35
CA TYR A 331 11.01 -11.03 9.45
C TYR A 331 9.56 -11.10 9.93
N VAL A 332 8.60 -11.04 9.01
CA VAL A 332 7.19 -11.10 9.40
C VAL A 332 6.91 -12.34 10.23
N LYS A 333 7.40 -13.49 9.76
CA LYS A 333 7.12 -14.73 10.48
C LYS A 333 7.85 -14.79 11.81
N ARG A 334 9.12 -14.37 11.81
CA ARG A 334 9.91 -14.43 13.04
C ARG A 334 9.36 -13.52 14.11
N GLU A 335 8.94 -12.31 13.74
CA GLU A 335 8.46 -11.33 14.69
C GLU A 335 6.97 -11.46 14.99
N GLY A 336 6.25 -12.33 14.29
CA GLY A 336 4.87 -12.58 14.65
C GLY A 336 3.85 -11.58 14.19
N TYR A 337 4.12 -10.83 13.12
CA TYR A 337 3.15 -9.88 12.61
C TYR A 337 2.06 -10.60 11.82
N GLY A 338 0.98 -9.89 11.52
CA GLY A 338 -0.20 -10.55 10.97
C GLY A 338 -0.14 -10.87 9.49
N GLY A 339 0.82 -10.30 8.78
CA GLY A 339 0.93 -10.53 7.35
C GLY A 339 1.67 -9.37 6.71
N ALA A 340 1.53 -9.28 5.39
CA ALA A 340 2.21 -8.24 4.61
C ALA A 340 1.31 -7.89 3.44
N PHE A 341 1.21 -6.59 3.14
CA PHE A 341 0.40 -6.12 2.02
C PHE A 341 1.28 -5.37 1.03
N VAL A 342 0.78 -5.19 -0.20
CA VAL A 342 1.60 -4.66 -1.29
C VAL A 342 1.00 -3.39 -1.87
N TRP A 343 1.82 -2.37 -2.00
CA TRP A 343 1.54 -1.24 -2.87
C TRP A 343 2.56 -1.35 -4.01
N THR A 344 2.20 -1.80 -5.22
CA THR A 344 0.88 -2.18 -5.69
C THR A 344 1.01 -3.45 -6.52
N LEU A 345 -0.11 -4.01 -6.96
CA LEU A 345 -0.07 -5.09 -7.93
C LEU A 345 0.64 -4.66 -9.21
N ASP A 346 0.41 -3.42 -9.63
CA ASP A 346 0.78 -2.94 -10.96
C ASP A 346 2.24 -2.49 -11.09
N PHE A 347 3.00 -2.40 -9.99
CA PHE A 347 4.43 -2.07 -10.10
C PHE A 347 5.33 -3.30 -10.06
N ASP A 348 4.84 -4.47 -9.65
CA ASP A 348 5.57 -5.71 -9.81
C ASP A 348 5.65 -6.03 -11.31
N ASP A 349 6.51 -6.99 -11.67
CA ASP A 349 6.52 -7.48 -13.05
C ASP A 349 5.37 -8.47 -13.21
N PHE A 350 4.16 -7.89 -13.26
CA PHE A 350 2.93 -8.68 -13.20
C PHE A 350 2.75 -9.60 -14.39
N ASN A 351 3.36 -9.28 -15.53
CA ASN A 351 3.22 -10.07 -16.75
C ASN A 351 4.51 -10.77 -17.14
N ALA A 352 5.50 -10.81 -16.24
CA ALA A 352 6.76 -11.49 -16.51
C ALA A 352 7.41 -10.96 -17.79
N GLY A 353 7.37 -9.65 -17.98
CA GLY A 353 7.95 -9.02 -19.14
C GLY A 353 9.40 -8.59 -19.01
N CYS A 354 9.98 -8.65 -17.81
CA CYS A 354 11.38 -8.27 -17.65
C CYS A 354 12.27 -9.13 -18.52
N SER A 355 13.29 -8.50 -19.11
CA SER A 355 14.26 -9.22 -19.92
C SER A 355 14.90 -10.36 -19.16
N ASN A 356 15.09 -10.20 -17.85
CA ASN A 356 15.75 -11.20 -17.02
C ASN A 356 14.77 -12.14 -16.31
N SER A 357 13.50 -12.09 -16.68
CA SER A 357 12.50 -12.93 -16.03
C SER A 357 12.76 -14.41 -16.32
N ASN A 358 12.53 -15.27 -15.33
CA ASN A 358 12.50 -16.70 -15.56
C ASN A 358 11.11 -17.21 -15.93
N GLY A 359 10.18 -16.30 -16.23
CA GLY A 359 8.80 -16.62 -16.50
C GLY A 359 7.86 -16.36 -15.34
N GLN A 360 8.39 -16.15 -14.14
CA GLN A 360 7.57 -16.00 -12.95
C GLN A 360 6.67 -14.77 -13.03
N LEU A 361 5.36 -14.98 -12.98
CA LEU A 361 4.45 -13.85 -12.84
C LEU A 361 4.62 -13.28 -11.43
N TYR A 362 4.67 -11.95 -11.33
CA TYR A 362 4.76 -11.29 -10.03
C TYR A 362 5.97 -11.80 -9.23
N PRO A 363 7.20 -11.61 -9.72
CA PRO A 363 8.35 -12.13 -8.96
C PRO A 363 8.39 -11.66 -7.52
N LEU A 364 8.02 -10.42 -7.26
CA LEU A 364 8.06 -9.91 -5.89
C LEU A 364 6.90 -10.45 -5.05
N ILE A 365 5.66 -10.23 -5.52
CA ILE A 365 4.52 -10.63 -4.70
C ILE A 365 4.47 -12.14 -4.54
N SER A 366 4.96 -12.89 -5.53
CA SER A 366 5.03 -14.34 -5.41
C SER A 366 5.81 -14.78 -4.17
N VAL A 367 6.79 -13.99 -3.73
CA VAL A 367 7.52 -14.31 -2.52
C VAL A 367 6.59 -14.29 -1.30
N ILE A 368 5.71 -13.30 -1.23
CA ILE A 368 4.74 -13.24 -0.14
C ILE A 368 3.79 -14.43 -0.23
N ALA A 369 3.28 -14.69 -1.44
CA ALA A 369 2.34 -15.80 -1.62
C ALA A 369 2.95 -17.12 -1.18
N LYS A 370 4.23 -17.33 -1.51
CA LYS A 370 4.89 -18.58 -1.13
C LYS A 370 5.21 -18.62 0.36
N GLU A 371 5.94 -17.61 0.85
CA GLU A 371 6.48 -17.72 2.21
C GLU A 371 5.41 -17.53 3.27
N LEU A 372 4.41 -16.69 3.03
CA LEU A 372 3.32 -16.53 3.98
C LEU A 372 2.10 -17.37 3.65
N GLY A 373 1.87 -17.70 2.38
CA GLY A 373 0.63 -18.37 2.05
C GLY A 373 0.76 -19.81 1.59
N GLY A 374 1.99 -20.26 1.34
CA GLY A 374 2.18 -21.58 0.77
C GLY A 374 1.72 -21.72 -0.66
N VAL A 375 1.48 -20.60 -1.35
CA VAL A 375 0.93 -20.59 -2.70
C VAL A 375 2.08 -20.42 -3.69
N ILE A 376 2.13 -21.29 -4.70
CA ILE A 376 3.13 -21.20 -5.76
C ILE A 376 2.49 -20.54 -6.96
N ILE A 377 2.87 -19.29 -7.21
CA ILE A 377 2.34 -18.54 -8.36
C ILE A 377 3.00 -19.07 -9.63
N PRO A 378 2.24 -19.32 -10.69
CA PRO A 378 2.80 -19.99 -11.88
C PRO A 378 3.63 -19.06 -12.75
N LYS A 379 4.34 -19.68 -13.69
CA LYS A 379 5.06 -18.96 -14.72
C LYS A 379 4.12 -18.69 -15.89
N LYS A 380 4.46 -17.66 -16.66
CA LYS A 380 3.59 -17.28 -17.79
C LYS A 380 3.64 -18.34 -18.89
O1 EAF B . 2.11 7.14 -8.03
C1 EAF B . 4.44 5.16 -5.14
C2 EAF B . 4.96 5.32 -6.56
C3 EAF B . -2.70 3.80 0.67
C4 EAF B . 3.25 5.64 -4.80
O2 EAF B . -2.62 7.71 -2.77
C5 EAF B . 2.84 7.41 -1.30
C6 EAF B . 1.39 8.99 -2.48
C7 EAF B . -2.42 5.06 0.17
C8 EAF B . 4.22 5.96 -7.45
N1 EAF B . -0.37 3.29 0.61
N2 EAF B . 0.30 7.23 -6.45
N3 EAF B . -0.99 7.59 -5.87
O3 EAF B . 4.12 10.88 -0.74
N4 EAF B . -0.53 6.88 -2.04
C9 EAF B . 3.62 8.37 -0.85
C10 EAF B . 2.28 10.11 -1.96
C11 EAF B . -1.63 2.92 0.88
C12 EAF B . -0.14 4.51 0.12
C13 EAF B . 2.41 6.38 -5.82
C14 EAF B . 1.65 7.72 -2.17
C15 EAF B . 0.53 6.83 -4.17
C16 EAF B . -1.13 5.43 -0.12
C17 EAF B . 2.87 6.49 -7.06
C18 EAF B . 3.32 9.82 -1.20
C19 EAF B . 1.00 6.88 -5.44
C20 EAF B . -0.78 7.30 -4.31
C21 EAF B . -1.50 7.35 -2.97
C22 EAF B . 0.72 6.60 -2.69
C23 EAF B . 5.79 11.90 0.60
C24 EAF B . -0.79 6.82 -0.63
C25 EAF B . 5.20 10.58 0.10
C1 BTB C . -1.67 10.80 -6.70
O1 BTB C . -1.00 11.88 -6.07
C2 BTB C . -1.75 11.01 -8.23
C3 BTB C . -2.14 12.46 -8.50
O3 BTB C . -3.51 12.61 -8.21
C4 BTB C . -0.37 10.72 -8.82
O4 BTB C . 0.02 9.38 -8.64
N BTB C . -2.79 10.17 -8.83
C5 BTB C . -2.84 8.81 -8.26
C6 BTB C . -4.25 8.46 -7.79
O6 BTB C . -4.77 9.49 -7.00
C7 BTB C . -2.65 10.14 -10.29
C8 BTB C . -3.90 9.62 -11.02
O8 BTB C . -5.05 10.22 -10.52
C1 GOL D . 12.45 13.72 4.88
O1 GOL D . 11.07 13.95 5.04
C2 GOL D . 12.71 12.23 5.03
O2 GOL D . 12.14 11.56 3.92
C3 GOL D . 14.21 11.99 5.08
O3 GOL D . 14.85 12.65 4.00
#